data_8PZ4
#
_entry.id   8PZ4
#
_cell.length_a   57.350
_cell.length_b   74.690
_cell.length_c   115.900
_cell.angle_alpha   90.000
_cell.angle_beta   102.480
_cell.angle_gamma   90.000
#
_symmetry.space_group_name_H-M   'C 1 2 1'
#
loop_
_entity.id
_entity.type
_entity.pdbx_description
1 polymer 'Alginate production protein AlgE'
2 non-polymer 'SULFATE ION'
3 non-polymer 'CALCIUM ION'
4 non-polymer 'CITRATE ANION'
5 non-polymer 'LAURYL DIMETHYLAMINE-N-OXIDE'
6 non-polymer (2S)-2,3-DIHYDROXYPROPYL(7Z)-PENTADEC-7-ENOATE
7 non-polymer (2R)-2,3-DIHYDROXYPROPYL(7Z)-PENTADEC-7-ENOATE
8 non-polymer 3,6,9,12,15,18,21,24-OCTAOXAHEXACOSAN-1-OL
9 water water
#
_entity_poly.entity_id   1
_entity_poly.type   'polypeptide(L)'
_entity_poly.pdbx_seq_one_letter_code
;MGSSHHHHHHSSGLVPRGSHMANSGEAPKNFGLDVKITGESENDRDLGTAPGGTLNDIGIDLRPWAFGQWGDWSAYFMGQ
AVAATDTIETDTLQSDTDDGNNSRNDGREPDKSYLAAREFWVDYAGLTAYPGEHLRFGRQRLREDSGQWQDTNIEALNWS
FETTLLNAHAGVAQRFSEYRTDLDELAPEDKDRTHVFGDISTQWAPHHRIGVRIHHADDSGHLRRPGEEVDNLDKTYTGQ
LTWLGIEATGDAYNYRSSMPLNYWASATWLTGDRDNLTTTTVDDRRIATGKQSGDVNAFGVDLGLRWNIDEQWKAGVGYA
RGSGGGKDGEEQFQQTGLESNRSNFTGTRSRVHRFGEAFRGELSNLQAATLFGSWQLREDYDASLVYHKFWRVDDDSDIG
TSGINAALQPGEKDIGQELDLVVTKYFKQGLLPASMSQYVDEPSALIRFRGGLFKPGDAYGPGTDSTMHRAFVDFIWRF
;
_entity_poly.pdbx_strand_id   A
#
# COMPACT_ATOMS: atom_id res chain seq x y z
N GLY A 2 -2.51 -19.60 10.47
CA GLY A 2 -2.61 -18.37 11.23
C GLY A 2 -1.85 -17.20 10.64
N SER A 3 -1.52 -16.22 11.49
CA SER A 3 -0.87 -15.00 11.04
C SER A 3 0.52 -15.25 10.50
N SER A 4 1.12 -16.40 10.80
CA SER A 4 2.46 -16.65 10.27
C SER A 4 2.44 -17.29 8.90
N HIS A 5 1.27 -17.66 8.38
CA HIS A 5 1.23 -18.29 7.06
C HIS A 5 1.83 -17.35 6.02
N HIS A 6 2.56 -17.91 5.06
CA HIS A 6 3.31 -17.07 4.12
C HIS A 6 2.40 -16.23 3.22
N HIS A 7 1.12 -16.60 3.04
CA HIS A 7 0.21 -15.76 2.26
C HIS A 7 -0.77 -14.99 3.13
N HIS A 8 -0.52 -14.93 4.44
CA HIS A 8 -1.48 -14.32 5.36
C HIS A 8 -1.83 -12.89 4.94
N HIS A 9 -0.82 -12.11 4.55
CA HIS A 9 -1.04 -10.69 4.27
C HIS A 9 -1.54 -10.39 2.87
N HIS A 10 -1.60 -11.38 1.98
CA HIS A 10 -1.98 -11.11 0.60
C HIS A 10 -3.41 -10.62 0.51
N SER A 11 -3.63 -9.59 -0.30
CA SER A 11 -4.96 -9.01 -0.38
C SER A 11 -5.97 -9.95 -1.04
N SER A 12 -5.49 -10.90 -1.86
CA SER A 12 -6.44 -11.71 -2.63
C SER A 12 -7.27 -12.61 -1.73
N GLY A 13 -6.69 -13.11 -0.63
CA GLY A 13 -7.43 -13.97 0.26
C GLY A 13 -7.91 -15.27 -0.36
N LEU A 14 -7.17 -15.79 -1.33
CA LEU A 14 -7.53 -17.03 -2.01
C LEU A 14 -6.84 -18.22 -1.34
N VAL A 15 -7.46 -19.39 -1.49
CA VAL A 15 -6.96 -20.62 -0.89
C VAL A 15 -6.83 -21.67 -1.99
N PRO A 16 -5.62 -22.20 -2.23
CA PRO A 16 -5.48 -23.23 -3.27
C PRO A 16 -6.20 -24.51 -2.89
N ARG A 17 -6.72 -25.18 -3.92
CA ARG A 17 -7.37 -26.46 -3.70
C ARG A 17 -6.36 -27.48 -3.22
N GLY A 18 -6.76 -28.33 -2.27
CA GLY A 18 -5.88 -29.32 -1.69
C GLY A 18 -4.93 -28.82 -0.63
N SER A 19 -4.99 -27.54 -0.26
CA SER A 19 -4.07 -26.98 0.73
C SER A 19 -4.55 -27.28 2.15
N HIS A 20 -3.64 -27.10 3.10
CA HIS A 20 -4.02 -27.28 4.50
C HIS A 20 -5.04 -26.23 4.92
N MET A 21 -4.96 -25.04 4.34
CA MET A 21 -5.94 -24.01 4.63
C MET A 21 -7.31 -24.36 4.05
N ALA A 22 -7.33 -25.06 2.91
CA ALA A 22 -8.60 -25.52 2.35
C ALA A 22 -9.21 -26.63 3.19
N ASN A 23 -8.39 -27.59 3.64
CA ASN A 23 -8.90 -28.73 4.40
C ASN A 23 -7.84 -29.09 5.44
N SER A 24 -8.19 -29.00 6.72
CA SER A 24 -7.18 -29.14 7.76
C SER A 24 -6.61 -30.55 7.84
N GLY A 25 -7.17 -31.52 7.11
CA GLY A 25 -6.60 -32.85 7.05
C GLY A 25 -5.41 -32.97 6.11
N GLU A 26 -5.23 -32.00 5.21
CA GLU A 26 -4.14 -32.02 4.23
C GLU A 26 -2.86 -31.50 4.85
N ALA A 27 -1.74 -31.96 4.31
CA ALA A 27 -0.46 -31.45 4.74
C ALA A 27 -0.23 -30.06 4.15
N PRO A 28 0.48 -29.18 4.86
CA PRO A 28 0.85 -27.88 4.27
C PRO A 28 1.55 -28.07 2.94
N LYS A 29 1.19 -27.23 1.97
CA LYS A 29 1.80 -27.31 0.64
C LYS A 29 3.27 -26.92 0.72
N ASN A 30 4.12 -27.65 0.01
CA ASN A 30 5.51 -27.21 -0.10
C ASN A 30 5.76 -26.31 -1.30
N PHE A 31 4.81 -26.20 -2.22
CA PHE A 31 5.00 -25.26 -3.32
C PHE A 31 3.64 -24.95 -3.93
N GLY A 32 3.62 -23.92 -4.75
CA GLY A 32 2.39 -23.51 -5.39
C GLY A 32 2.72 -22.50 -6.45
N LEU A 33 1.68 -22.03 -7.13
CA LEU A 33 1.86 -21.05 -8.19
C LEU A 33 0.70 -20.09 -8.12
N ASP A 34 1.00 -18.80 -8.12
CA ASP A 34 0.00 -17.75 -8.25
C ASP A 34 0.09 -17.19 -9.66
N VAL A 35 -1.05 -17.13 -10.34
CA VAL A 35 -1.10 -16.67 -11.72
C VAL A 35 -1.98 -15.43 -11.77
N LYS A 36 -1.48 -14.37 -12.42
CA LYS A 36 -2.25 -13.14 -12.57
C LYS A 36 -2.24 -12.73 -14.02
N ILE A 37 -3.41 -12.42 -14.57
CA ILE A 37 -3.54 -11.78 -15.86
C ILE A 37 -4.25 -10.47 -15.63
N THR A 38 -3.67 -9.37 -16.12
CA THR A 38 -4.13 -8.01 -15.85
C THR A 38 -4.18 -7.22 -17.14
N GLY A 39 -5.25 -6.45 -17.30
CA GLY A 39 -5.29 -5.35 -18.25
C GLY A 39 -5.36 -4.04 -17.49
N GLU A 40 -4.73 -2.99 -18.05
CA GLU A 40 -4.74 -1.66 -17.44
C GLU A 40 -5.08 -0.64 -18.52
N SER A 41 -6.02 0.25 -18.22
CA SER A 41 -6.29 1.42 -19.03
C SER A 41 -6.03 2.64 -18.15
N GLU A 42 -5.15 3.53 -18.60
CA GLU A 42 -4.81 4.71 -17.82
C GLU A 42 -4.69 5.88 -18.78
N ASN A 43 -5.45 6.95 -18.51
CA ASN A 43 -5.48 8.11 -19.39
C ASN A 43 -6.08 9.29 -18.64
N ASP A 44 -5.29 10.34 -18.40
CA ASP A 44 -3.87 10.51 -18.65
C ASP A 44 -3.21 11.00 -17.36
N ARG A 45 -2.16 10.29 -16.93
CA ARG A 45 -1.48 10.57 -15.67
C ARG A 45 -1.03 12.03 -15.53
N ASP A 46 -0.72 12.69 -16.63
CA ASP A 46 -0.26 14.08 -16.56
C ASP A 46 -1.36 15.06 -16.91
N LEU A 47 -2.61 14.59 -17.01
CA LEU A 47 -3.77 15.42 -17.33
C LEU A 47 -3.64 16.09 -18.68
N GLY A 48 -2.90 15.45 -19.59
CA GLY A 48 -2.75 15.99 -20.93
C GLY A 48 -1.72 17.09 -21.06
N THR A 49 -0.86 17.28 -20.07
CA THR A 49 0.14 18.34 -20.12
C THR A 49 1.47 17.89 -20.73
N ALA A 50 1.64 16.61 -21.01
CA ALA A 50 2.90 16.09 -21.53
C ALA A 50 2.60 14.95 -22.50
N PRO A 51 3.52 14.65 -23.42
CA PRO A 51 3.36 13.45 -24.24
C PRO A 51 3.44 12.20 -23.39
N GLY A 52 2.82 11.14 -23.88
CA GLY A 52 2.79 9.90 -23.11
C GLY A 52 1.86 10.02 -21.91
N GLY A 53 2.01 9.06 -21.01
CA GLY A 53 1.13 8.96 -19.86
C GLY A 53 -0.15 8.20 -20.10
N THR A 54 -0.21 7.39 -21.15
CA THR A 54 -1.40 6.62 -21.51
C THR A 54 -1.05 5.15 -21.58
N LEU A 55 -1.93 4.32 -21.03
CA LEU A 55 -1.78 2.88 -21.05
C LEU A 55 -3.09 2.25 -21.53
N ASN A 56 -2.98 1.18 -22.31
CA ASN A 56 -4.11 0.37 -22.75
C ASN A 56 -3.50 -0.99 -23.11
N ASP A 57 -3.24 -1.79 -22.08
CA ASP A 57 -2.27 -2.87 -22.24
C ASP A 57 -2.63 -4.04 -21.35
N ILE A 58 -1.98 -5.16 -21.61
CA ILE A 58 -2.31 -6.43 -20.96
C ILE A 58 -1.01 -7.13 -20.60
N GLY A 59 -1.07 -7.96 -19.57
CA GLY A 59 0.12 -8.61 -19.06
C GLY A 59 -0.23 -9.87 -18.31
N ILE A 60 0.79 -10.70 -18.10
CA ILE A 60 0.68 -11.91 -17.30
C ILE A 60 1.82 -11.90 -16.29
N ASP A 61 1.54 -12.40 -15.10
CA ASP A 61 2.48 -12.39 -13.98
C ASP A 61 2.40 -13.78 -13.36
N LEU A 62 3.52 -14.50 -13.32
CA LEU A 62 3.57 -15.83 -12.74
C LEU A 62 4.44 -15.77 -11.50
N ARG A 63 3.95 -16.33 -10.39
CA ARG A 63 4.59 -16.19 -9.09
C ARG A 63 4.69 -17.56 -8.44
N PRO A 64 5.69 -18.35 -8.79
CA PRO A 64 5.87 -19.65 -8.14
C PRO A 64 6.48 -19.46 -6.76
N TRP A 65 6.13 -20.34 -5.84
CA TRP A 65 6.67 -20.21 -4.51
C TRP A 65 6.98 -21.58 -3.94
N ALA A 66 7.85 -21.57 -2.93
CA ALA A 66 8.30 -22.80 -2.27
C ALA A 66 8.34 -22.54 -0.78
N PHE A 67 8.01 -23.58 0.00
CA PHE A 67 7.91 -23.42 1.46
C PHE A 67 8.38 -24.70 2.12
N GLY A 68 9.22 -24.56 3.13
CA GLY A 68 9.67 -25.72 3.90
C GLY A 68 9.53 -25.46 5.38
N GLN A 69 9.27 -26.53 6.13
CA GLN A 69 9.09 -26.40 7.57
C GLN A 69 9.75 -27.58 8.25
N TRP A 70 10.55 -27.29 9.29
CA TRP A 70 11.25 -28.32 10.06
C TRP A 70 11.26 -27.88 11.52
N GLY A 71 10.37 -28.44 12.32
CA GLY A 71 10.25 -28.01 13.70
C GLY A 71 9.90 -26.54 13.75
N ASP A 72 10.69 -25.78 14.50
CA ASP A 72 10.39 -24.36 14.67
C ASP A 72 10.94 -23.51 13.54
N TRP A 73 11.64 -24.12 12.59
CA TRP A 73 12.28 -23.42 11.48
C TRP A 73 11.41 -23.55 10.23
N SER A 74 11.34 -22.49 9.45
CA SER A 74 10.70 -22.59 8.15
C SER A 74 11.41 -21.64 7.20
N ALA A 75 11.15 -21.83 5.91
CA ALA A 75 11.80 -21.02 4.88
C ALA A 75 10.84 -20.86 3.70
N TYR A 76 10.98 -19.74 2.98
CA TYR A 76 10.02 -19.42 1.93
C TYR A 76 10.71 -18.67 0.82
N PHE A 77 10.35 -18.98 -0.41
CA PHE A 77 10.82 -18.23 -1.58
C PHE A 77 9.64 -17.99 -2.50
N MET A 78 9.50 -16.77 -3.00
CA MET A 78 8.57 -16.49 -4.10
C MET A 78 9.26 -15.68 -5.17
N GLY A 79 9.19 -16.17 -6.40
CA GLY A 79 9.71 -15.47 -7.56
C GLY A 79 8.59 -14.87 -8.37
N GLN A 80 8.98 -14.16 -9.43
CA GLN A 80 8.03 -13.43 -10.25
C GLN A 80 8.55 -13.34 -11.68
N ALA A 81 7.67 -13.67 -12.64
CA ALA A 81 7.95 -13.45 -14.04
C ALA A 81 6.79 -12.68 -14.65
N VAL A 82 7.10 -11.58 -15.33
CA VAL A 82 6.07 -10.72 -15.92
C VAL A 82 6.37 -10.57 -17.41
N ALA A 83 5.34 -10.69 -18.24
CA ALA A 83 5.40 -10.29 -19.64
C ALA A 83 4.18 -9.45 -19.97
N ALA A 84 4.39 -8.26 -20.51
CA ALA A 84 3.26 -7.36 -20.78
C ALA A 84 3.51 -6.60 -22.08
N THR A 85 2.42 -6.09 -22.65
CA THR A 85 2.51 -5.32 -23.88
C THR A 85 2.99 -3.89 -23.65
N ASP A 86 2.98 -3.42 -22.41
CA ASP A 86 3.60 -2.16 -22.00
C ASP A 86 3.82 -2.27 -20.50
N THR A 87 4.45 -1.26 -19.92
CA THR A 87 4.85 -1.32 -18.50
C THR A 87 3.64 -1.00 -17.62
N ILE A 88 2.81 -2.02 -17.41
CA ILE A 88 1.61 -1.88 -16.59
C ILE A 88 1.91 -2.26 -15.14
N GLU A 89 0.98 -1.96 -14.25
CA GLU A 89 1.11 -2.34 -12.84
C GLU A 89 0.50 -3.71 -12.63
N THR A 90 1.33 -4.74 -12.57
CA THR A 90 0.82 -6.06 -12.17
C THR A 90 0.96 -6.29 -10.67
N ASP A 91 1.57 -5.37 -9.94
CA ASP A 91 1.84 -5.53 -8.51
C ASP A 91 1.46 -4.23 -7.81
N THR A 92 0.39 -4.28 -7.00
CA THR A 92 -0.01 -3.09 -6.24
C THR A 92 1.06 -2.62 -5.28
N LEU A 93 2.01 -3.49 -4.91
CA LEU A 93 3.09 -3.09 -4.01
C LEU A 93 4.26 -2.47 -4.75
N GLN A 94 3.99 -1.90 -5.93
CA GLN A 94 5.01 -1.37 -6.85
C GLN A 94 6.06 -2.43 -7.18
N GLY A 107 18.80 4.29 -14.02
CA GLY A 107 18.56 2.87 -13.94
C GLY A 107 17.24 2.48 -13.27
N ARG A 108 16.20 3.28 -13.52
CA ARG A 108 14.88 3.06 -12.95
C ARG A 108 13.80 2.97 -14.03
N GLU A 109 14.19 2.55 -15.23
CA GLU A 109 13.24 2.35 -16.32
C GLU A 109 12.83 0.88 -16.34
N PRO A 110 11.58 0.54 -15.98
CA PRO A 110 11.18 -0.87 -16.05
C PRO A 110 11.04 -1.34 -17.48
N ASP A 111 11.28 -2.64 -17.68
CA ASP A 111 11.06 -3.32 -18.94
C ASP A 111 9.64 -3.88 -18.99
N LYS A 112 9.14 -4.11 -20.21
CA LYS A 112 7.83 -4.72 -20.39
C LYS A 112 7.80 -6.12 -19.78
N SER A 113 8.93 -6.82 -19.81
CA SER A 113 9.04 -8.18 -19.33
C SER A 113 10.24 -8.25 -18.39
N TYR A 114 10.12 -9.01 -17.31
CA TYR A 114 11.21 -9.08 -16.34
C TYR A 114 11.00 -10.26 -15.40
N LEU A 115 12.09 -10.60 -14.70
CA LEU A 115 12.10 -11.56 -13.60
C LEU A 115 12.44 -10.84 -12.29
N ALA A 116 11.92 -11.37 -11.18
CA ALA A 116 12.20 -10.80 -9.87
C ALA A 116 12.21 -11.87 -8.80
N ALA A 117 13.04 -11.66 -7.78
CA ALA A 117 12.94 -12.42 -6.53
C ALA A 117 12.06 -11.63 -5.58
N ARG A 118 10.84 -12.10 -5.36
CA ARG A 118 9.86 -11.29 -4.63
C ARG A 118 10.00 -11.42 -3.12
N GLU A 119 10.09 -12.65 -2.62
CA GLU A 119 10.23 -12.90 -1.19
C GLU A 119 11.27 -14.00 -1.04
N PHE A 120 12.05 -13.91 0.02
CA PHE A 120 12.97 -14.99 0.38
C PHE A 120 13.28 -14.81 1.85
N TRP A 121 12.88 -15.76 2.69
CA TRP A 121 13.15 -15.56 4.11
C TRP A 121 13.25 -16.89 4.83
N VAL A 122 13.84 -16.84 6.02
CA VAL A 122 13.86 -17.93 6.99
C VAL A 122 13.15 -17.41 8.23
N ASP A 123 12.49 -18.33 8.95
CA ASP A 123 11.64 -17.93 10.05
C ASP A 123 11.88 -18.89 11.21
N TYR A 124 11.90 -18.36 12.42
CA TYR A 124 12.14 -19.17 13.60
C TYR A 124 11.04 -18.88 14.59
N ALA A 125 10.32 -19.92 15.00
CA ALA A 125 9.14 -19.76 15.84
C ALA A 125 9.36 -20.27 17.25
N GLY A 126 10.59 -20.63 17.62
CA GLY A 126 10.87 -21.26 18.89
C GLY A 126 11.21 -20.36 20.07
N LEU A 127 11.18 -19.03 19.92
CA LEU A 127 11.46 -18.18 21.07
C LEU A 127 10.40 -18.32 22.17
N THR A 128 9.12 -18.52 21.80
CA THR A 128 8.06 -18.78 22.76
C THR A 128 7.19 -19.92 22.25
N ALA A 129 6.36 -20.45 23.15
CA ALA A 129 5.44 -21.52 22.81
C ALA A 129 4.24 -21.06 21.99
N TYR A 130 4.02 -19.75 21.87
CA TYR A 130 2.87 -19.24 21.15
C TYR A 130 3.05 -19.43 19.65
N PRO A 131 2.12 -20.11 18.97
CA PRO A 131 2.18 -20.17 17.51
C PRO A 131 2.02 -18.82 16.85
N GLY A 132 1.41 -17.85 17.54
CA GLY A 132 1.32 -16.50 17.02
C GLY A 132 2.61 -15.70 17.11
N GLU A 133 3.67 -16.29 17.66
CA GLU A 133 4.94 -15.58 17.83
C GLU A 133 6.01 -16.22 16.97
N HIS A 134 6.72 -15.41 16.19
CA HIS A 134 7.79 -15.93 15.34
C HIS A 134 8.69 -14.77 14.94
N LEU A 135 9.87 -15.13 14.46
CA LEU A 135 10.88 -14.18 14.02
C LEU A 135 11.22 -14.48 12.56
N ARG A 136 11.15 -13.47 11.70
CA ARG A 136 11.34 -13.69 10.26
C ARG A 136 12.47 -12.82 9.73
N PHE A 137 13.37 -13.43 8.95
CA PHE A 137 14.58 -12.74 8.45
C PHE A 137 14.68 -12.92 6.95
N GLY A 138 14.71 -11.82 6.19
CA GLY A 138 14.84 -11.91 4.75
C GLY A 138 13.91 -10.93 4.08
N ARG A 139 13.80 -11.04 2.76
CA ARG A 139 12.89 -10.16 2.03
C ARG A 139 11.48 -10.70 2.22
N GLN A 140 10.62 -9.93 2.87
CA GLN A 140 9.37 -10.51 3.35
C GLN A 140 8.27 -9.46 3.25
N ARG A 141 7.05 -9.94 3.22
CA ARG A 141 5.91 -9.04 3.29
C ARG A 141 5.79 -8.47 4.70
N LEU A 142 5.81 -7.15 4.81
CA LEU A 142 5.50 -6.45 6.05
C LEU A 142 4.17 -5.75 5.83
N ARG A 143 3.22 -5.95 6.73
CA ARG A 143 1.94 -5.24 6.61
C ARG A 143 1.28 -5.05 7.95
N GLU A 144 0.71 -3.87 8.17
CA GLU A 144 -0.28 -3.67 9.21
C GLU A 144 -1.61 -3.30 8.57
N ASP A 145 -2.68 -3.40 9.39
CA ASP A 145 -4.03 -3.49 8.86
C ASP A 145 -4.45 -2.24 8.08
N SER A 146 -3.96 -1.08 8.48
CA SER A 146 -4.36 0.15 7.80
C SER A 146 -3.66 0.32 6.46
N GLY A 147 -2.55 -0.40 6.26
CA GLY A 147 -1.69 -0.17 5.12
C GLY A 147 -1.01 1.18 5.09
N GLN A 148 -1.19 2.02 6.10
CA GLN A 148 -0.68 3.39 6.06
C GLN A 148 0.69 3.52 6.68
N TRP A 149 1.22 2.48 7.31
CA TRP A 149 2.59 2.51 7.83
C TRP A 149 3.51 1.57 7.06
N GLN A 150 3.04 0.34 6.86
CA GLN A 150 3.81 -0.65 6.10
C GLN A 150 2.88 -1.58 5.37
N ASP A 151 3.23 -1.84 4.12
CA ASP A 151 2.56 -2.81 3.28
C ASP A 151 3.44 -2.97 2.05
N THR A 152 4.50 -3.78 2.17
CA THR A 152 5.51 -3.84 1.13
C THR A 152 6.32 -5.11 1.32
N ASN A 153 7.05 -5.51 0.29
CA ASN A 153 8.06 -6.57 0.39
C ASN A 153 9.40 -5.89 0.55
N ILE A 154 10.10 -6.17 1.65
CA ILE A 154 11.36 -5.51 1.96
C ILE A 154 12.22 -6.44 2.79
N GLU A 155 13.54 -6.29 2.64
CA GLU A 155 14.50 -7.03 3.46
C GLU A 155 14.36 -6.58 4.91
N ALA A 156 14.12 -7.52 5.82
CA ALA A 156 13.86 -7.09 7.18
C ALA A 156 14.20 -8.22 8.14
N LEU A 157 14.35 -7.84 9.39
CA LEU A 157 14.26 -8.77 10.50
C LEU A 157 13.08 -8.31 11.33
N ASN A 158 12.06 -9.16 11.48
CA ASN A 158 10.81 -8.68 12.05
C ASN A 158 10.27 -9.72 13.02
N TRP A 159 9.98 -9.28 14.23
CA TRP A 159 9.42 -10.13 15.28
C TRP A 159 7.94 -9.85 15.41
N SER A 160 7.11 -10.90 15.45
CA SER A 160 5.67 -10.75 15.55
C SER A 160 5.18 -11.51 16.76
N PHE A 161 4.21 -10.94 17.48
CA PHE A 161 3.57 -11.63 18.60
C PHE A 161 2.09 -11.35 18.53
N GLU A 162 1.27 -12.35 18.23
CA GLU A 162 -0.16 -12.11 18.03
C GLU A 162 -0.94 -13.16 18.80
N THR A 163 -1.62 -12.72 19.87
CA THR A 163 -2.45 -13.54 20.75
C THR A 163 -3.79 -12.83 20.95
N THR A 164 -4.67 -13.47 21.74
CA THR A 164 -6.00 -12.91 21.94
C THR A 164 -5.93 -11.50 22.52
N LEU A 165 -5.20 -11.34 23.63
CA LEU A 165 -5.25 -10.10 24.39
C LEU A 165 -4.16 -9.11 24.01
N LEU A 166 -3.07 -9.58 23.43
CA LEU A 166 -1.91 -8.73 23.17
C LEU A 166 -1.31 -9.01 21.81
N ASN A 167 -1.06 -7.95 21.04
CA ASN A 167 -0.30 -8.03 19.81
C ASN A 167 0.91 -7.10 19.94
N ALA A 168 2.05 -7.55 19.42
CA ALA A 168 3.23 -6.71 19.43
C ALA A 168 4.10 -7.08 18.24
N HIS A 169 4.84 -6.10 17.71
CA HIS A 169 5.77 -6.36 16.62
C HIS A 169 6.97 -5.45 16.82
N ALA A 170 8.12 -5.88 16.32
CA ALA A 170 9.32 -5.05 16.31
C ALA A 170 10.21 -5.51 15.18
N GLY A 171 10.79 -4.56 14.44
CA GLY A 171 11.63 -5.00 13.35
C GLY A 171 12.51 -3.89 12.84
N VAL A 172 13.36 -4.26 11.89
CA VAL A 172 14.26 -3.34 11.21
C VAL A 172 14.25 -3.74 9.75
N ALA A 173 14.39 -2.76 8.85
CA ALA A 173 14.26 -3.05 7.43
C ALA A 173 15.08 -2.03 6.62
N GLN A 174 15.57 -2.49 5.47
CA GLN A 174 16.32 -1.61 4.58
C GLN A 174 16.34 -2.25 3.19
N ARG A 175 16.16 -1.43 2.16
CA ARG A 175 16.29 -1.93 0.79
C ARG A 175 17.74 -1.94 0.38
N PHE A 176 18.20 -3.06 -0.17
CA PHE A 176 19.53 -3.12 -0.76
C PHE A 176 19.50 -3.31 -2.27
N SER A 177 18.42 -3.86 -2.81
CA SER A 177 18.26 -4.04 -4.25
C SER A 177 16.77 -4.13 -4.54
N GLU A 178 16.43 -4.01 -5.82
CA GLU A 178 15.09 -4.38 -6.28
C GLU A 178 14.96 -5.87 -6.59
N TYR A 179 16.08 -6.58 -6.73
CA TYR A 179 16.12 -8.01 -7.11
C TYR A 179 15.31 -8.24 -8.38
N ARG A 180 15.51 -7.36 -9.37
CA ARG A 180 14.77 -7.38 -10.61
C ARG A 180 15.73 -7.36 -11.79
N THR A 181 15.33 -7.97 -12.90
CA THR A 181 16.23 -8.00 -14.04
C THR A 181 16.28 -6.66 -14.77
N ASP A 182 15.32 -5.77 -14.54
CA ASP A 182 15.22 -4.53 -15.31
C ASP A 182 15.59 -3.27 -14.53
N LEU A 183 15.47 -3.27 -13.21
CA LEU A 183 15.81 -2.09 -12.41
C LEU A 183 17.21 -2.28 -11.80
N ASP A 184 18.15 -1.43 -12.23
CA ASP A 184 19.55 -1.51 -11.80
C ASP A 184 19.77 -0.93 -10.42
N GLU A 185 19.00 0.10 -10.06
CA GLU A 185 19.32 0.95 -8.93
C GLU A 185 18.09 1.10 -8.05
N LEU A 186 18.32 1.53 -6.82
CA LEU A 186 17.23 1.84 -5.91
C LEU A 186 16.69 3.24 -6.17
N ALA A 187 15.42 3.43 -5.84
CA ALA A 187 14.90 4.79 -5.79
C ALA A 187 15.71 5.60 -4.78
N PRO A 188 15.96 6.89 -5.04
CA PRO A 188 16.80 7.67 -4.11
C PRO A 188 16.30 7.67 -2.69
N GLU A 189 14.98 7.71 -2.48
CA GLU A 189 14.47 7.80 -1.12
C GLU A 189 14.80 6.54 -0.33
N ASP A 190 14.96 5.41 -1.02
CA ASP A 190 15.22 4.11 -0.41
C ASP A 190 16.72 3.86 -0.18
N LYS A 191 17.57 4.55 -0.93
CA LYS A 191 19.00 4.30 -0.85
C LYS A 191 19.52 4.72 0.52
N ASP A 192 20.13 3.78 1.25
CA ASP A 192 20.78 4.05 2.54
C ASP A 192 19.79 4.51 3.61
N ARG A 193 18.50 4.21 3.44
CA ARG A 193 17.48 4.49 4.45
C ARG A 193 17.19 3.25 5.29
N THR A 194 17.40 3.36 6.59
CA THR A 194 17.12 2.27 7.53
C THR A 194 15.85 2.58 8.31
N HIS A 195 14.98 1.58 8.44
CA HIS A 195 13.72 1.71 9.15
C HIS A 195 13.77 0.84 10.41
N VAL A 196 13.36 1.40 11.53
CA VAL A 196 13.13 0.64 12.77
C VAL A 196 11.72 0.92 13.26
N PHE A 197 11.01 -0.10 13.73
CA PHE A 197 9.60 0.11 13.96
C PHE A 197 9.10 -0.88 14.99
N GLY A 198 7.97 -0.54 15.61
CA GLY A 198 7.34 -1.45 16.55
C GLY A 198 5.93 -1.01 16.89
N ASP A 199 5.19 -1.92 17.52
CA ASP A 199 3.82 -1.64 17.88
C ASP A 199 3.38 -2.60 18.97
N ILE A 200 2.47 -2.12 19.82
CA ILE A 200 1.83 -2.94 20.84
C ILE A 200 0.37 -2.53 20.89
N SER A 201 -0.52 -3.51 21.03
CA SER A 201 -1.93 -3.20 21.08
C SER A 201 -2.63 -4.30 21.87
N THR A 202 -3.82 -3.99 22.33
CA THR A 202 -4.58 -4.94 23.13
C THR A 202 -6.04 -4.85 22.71
N GLN A 203 -6.72 -5.98 22.81
CA GLN A 203 -8.18 -6.04 22.64
C GLN A 203 -8.76 -5.76 24.01
N TRP A 204 -9.16 -4.50 24.25
CA TRP A 204 -9.66 -4.12 25.56
C TRP A 204 -11.13 -4.48 25.75
N ALA A 205 -11.86 -4.71 24.67
CA ALA A 205 -13.20 -5.29 24.69
C ALA A 205 -13.27 -6.15 23.43
N PRO A 206 -14.19 -7.11 23.38
CA PRO A 206 -14.26 -7.98 22.20
C PRO A 206 -14.42 -7.16 20.93
N HIS A 207 -13.49 -7.34 19.99
CA HIS A 207 -13.42 -6.66 18.69
C HIS A 207 -13.13 -5.17 18.80
N HIS A 208 -12.68 -4.67 19.93
CA HIS A 208 -12.21 -3.28 20.05
C HIS A 208 -10.76 -3.29 20.47
N ARG A 209 -9.91 -2.64 19.68
CA ARG A 209 -8.47 -2.69 19.89
C ARG A 209 -7.94 -1.27 20.05
N ILE A 210 -6.97 -1.12 20.93
CA ILE A 210 -6.27 0.15 21.12
C ILE A 210 -4.79 -0.15 21.11
N GLY A 211 -4.00 0.73 20.48
CA GLY A 211 -2.59 0.43 20.37
C GLY A 211 -1.78 1.68 20.13
N VAL A 212 -0.47 1.51 20.27
CA VAL A 212 0.51 2.55 19.94
C VAL A 212 1.44 1.98 18.88
N ARG A 213 2.03 2.87 18.10
CA ARG A 213 2.88 2.42 17.01
C ARG A 213 4.02 3.41 16.87
N ILE A 214 5.21 2.90 16.58
CA ILE A 214 6.35 3.79 16.36
C ILE A 214 7.09 3.37 15.11
N HIS A 215 7.64 4.35 14.39
CA HIS A 215 8.45 4.06 13.23
C HIS A 215 9.53 5.13 13.17
N HIS A 216 10.76 4.71 12.88
CA HIS A 216 11.89 5.62 12.70
C HIS A 216 12.58 5.36 11.37
N ALA A 217 12.85 6.41 10.60
CA ALA A 217 13.56 6.25 9.34
C ALA A 217 14.79 7.15 9.41
N ASP A 218 15.95 6.58 9.09
CA ASP A 218 17.22 7.30 9.18
C ASP A 218 17.92 7.20 7.85
N ASP A 219 18.30 8.35 7.28
CA ASP A 219 19.03 8.42 6.02
C ASP A 219 20.51 8.56 6.31
N SER A 220 21.29 7.58 5.87
CA SER A 220 22.74 7.66 6.01
C SER A 220 23.41 8.17 4.75
N GLY A 221 22.64 8.49 3.72
CA GLY A 221 23.19 8.93 2.46
C GLY A 221 23.76 10.33 2.55
N HIS A 222 24.33 10.76 1.44
CA HIS A 222 24.80 12.12 1.29
C HIS A 222 24.02 12.81 0.19
N LEU A 223 23.93 14.13 0.29
CA LEU A 223 23.38 14.96 -0.76
C LEU A 223 24.50 15.45 -1.68
N ARG A 224 24.14 15.70 -2.93
CA ARG A 224 25.10 16.27 -3.86
C ARG A 224 25.65 17.57 -3.31
N ARG A 225 26.92 17.83 -3.59
CA ARG A 225 27.62 19.02 -3.13
C ARG A 225 27.39 20.18 -4.10
N PRO A 226 27.52 21.42 -3.62
CA PRO A 226 27.23 22.58 -4.48
C PRO A 226 28.07 22.56 -5.75
N GLY A 227 27.40 22.79 -6.87
CA GLY A 227 28.03 22.77 -8.16
C GLY A 227 27.94 21.46 -8.89
N GLU A 228 27.57 20.37 -8.21
CA GLU A 228 27.42 19.08 -8.85
C GLU A 228 26.07 19.00 -9.54
N GLU A 229 26.06 18.35 -10.71
CA GLU A 229 24.80 18.12 -11.39
C GLU A 229 23.97 17.12 -10.61
N VAL A 230 22.67 17.34 -10.57
CA VAL A 230 21.75 16.48 -9.86
C VAL A 230 20.72 15.96 -10.85
N ASP A 231 20.43 14.67 -10.76
CA ASP A 231 19.52 14.01 -11.69
C ASP A 231 18.45 13.25 -10.89
N ASN A 232 17.62 12.45 -11.57
CA ASN A 232 16.51 11.78 -10.90
C ASN A 232 16.96 10.68 -9.94
N LEU A 233 18.21 10.24 -10.01
CA LEU A 233 18.71 9.19 -9.13
C LEU A 233 19.31 9.75 -7.84
N ASP A 234 19.45 11.06 -7.72
CA ASP A 234 20.02 11.69 -6.55
C ASP A 234 18.94 11.98 -5.50
N LYS A 235 19.33 11.93 -4.24
CA LYS A 235 18.43 12.26 -3.15
C LYS A 235 18.06 13.74 -3.16
N THR A 236 16.83 14.03 -2.73
CA THR A 236 16.39 15.39 -2.51
C THR A 236 16.49 15.81 -1.05
N TYR A 237 16.71 14.87 -0.15
CA TYR A 237 16.84 15.21 1.26
C TYR A 237 17.41 14.00 1.99
N THR A 238 17.96 14.26 3.16
CA THR A 238 18.26 13.21 4.14
C THR A 238 17.52 13.58 5.42
N GLY A 239 17.05 12.58 6.12
CA GLY A 239 16.24 12.85 7.31
C GLY A 239 16.49 11.82 8.39
N GLN A 240 16.14 12.22 9.60
CA GLN A 240 15.91 11.30 10.70
C GLN A 240 14.52 11.65 11.20
N LEU A 241 13.56 10.75 10.97
CA LEU A 241 12.17 11.04 11.21
C LEU A 241 11.61 9.96 12.11
N THR A 242 10.80 10.36 13.09
CA THR A 242 10.11 9.42 13.97
C THR A 242 8.62 9.69 13.89
N TRP A 243 7.85 8.65 13.64
CA TRP A 243 6.39 8.71 13.72
C TRP A 243 5.95 8.00 15.00
N LEU A 244 5.13 8.68 15.80
CA LEU A 244 4.56 8.12 17.02
C LEU A 244 3.05 8.19 16.87
N GLY A 245 2.38 7.05 16.93
CA GLY A 245 0.96 7.02 16.65
C GLY A 245 0.17 6.25 17.69
N ILE A 246 -1.08 6.66 17.85
N ILE A 246 -1.09 6.66 17.83
CA ILE A 246 -2.05 5.85 18.57
CA ILE A 246 -2.09 5.92 18.60
C ILE A 246 -3.18 5.50 17.61
C ILE A 246 -3.21 5.53 17.64
N GLU A 247 -3.77 4.33 17.81
CA GLU A 247 -4.80 3.84 16.91
C GLU A 247 -5.85 3.10 17.71
N ALA A 248 -7.11 3.41 17.47
CA ALA A 248 -8.24 2.65 17.99
C ALA A 248 -9.04 2.10 16.83
N THR A 249 -9.45 0.83 16.92
CA THR A 249 -10.22 0.20 15.86
C THR A 249 -11.31 -0.68 16.48
N GLY A 250 -12.45 -0.72 15.81
CA GLY A 250 -13.51 -1.66 16.15
C GLY A 250 -13.88 -2.41 14.89
N ASP A 251 -13.21 -3.56 14.64
CA ASP A 251 -13.42 -4.31 13.41
C ASP A 251 -13.25 -3.43 12.17
N ALA A 252 -12.28 -2.50 12.22
CA ALA A 252 -12.14 -1.52 11.14
C ALA A 252 -11.99 -2.19 9.79
N TYR A 253 -11.21 -3.26 9.73
CA TYR A 253 -10.84 -3.87 8.47
C TYR A 253 -11.31 -5.30 8.36
N ASN A 254 -12.34 -5.64 9.15
CA ASN A 254 -12.87 -7.00 9.25
C ASN A 254 -14.16 -7.06 8.44
N TYR A 255 -14.07 -7.70 7.26
CA TYR A 255 -15.24 -7.84 6.39
C TYR A 255 -16.28 -8.80 6.97
N ARG A 256 -15.95 -9.57 8.00
CA ARG A 256 -16.89 -10.51 8.61
C ARG A 256 -17.46 -10.00 9.94
N SER A 257 -17.39 -8.70 10.20
CA SER A 257 -17.92 -8.17 11.46
C SER A 257 -19.40 -8.49 11.65
N SER A 258 -19.76 -8.76 12.90
CA SER A 258 -21.13 -8.92 13.35
C SER A 258 -21.68 -7.68 14.04
N MET A 259 -20.82 -6.67 14.32
CA MET A 259 -21.26 -5.46 15.00
C MET A 259 -22.01 -4.55 14.05
N PRO A 260 -23.00 -3.80 14.54
CA PRO A 260 -23.73 -2.90 13.65
C PRO A 260 -22.87 -1.74 13.16
N LEU A 261 -21.83 -1.39 13.89
CA LEU A 261 -20.95 -0.27 13.55
C LEU A 261 -19.49 -0.68 13.70
N ASN A 262 -18.66 -0.23 12.77
CA ASN A 262 -17.23 -0.47 12.82
C ASN A 262 -16.56 0.89 12.68
N TYR A 263 -15.35 1.04 13.23
CA TYR A 263 -14.71 2.36 13.20
C TYR A 263 -13.19 2.23 13.22
N TRP A 264 -12.53 3.30 12.80
CA TRP A 264 -11.11 3.46 13.04
C TRP A 264 -10.85 4.91 13.40
N ALA A 265 -9.86 5.13 14.26
CA ALA A 265 -9.40 6.47 14.56
C ALA A 265 -7.92 6.37 14.88
N SER A 266 -7.13 7.24 14.25
CA SER A 266 -5.69 7.17 14.46
C SER A 266 -5.14 8.56 14.38
N ALA A 267 -4.15 8.83 15.22
CA ALA A 267 -3.48 10.12 15.24
C ALA A 267 -1.99 9.85 15.33
N THR A 268 -1.21 10.61 14.59
CA THR A 268 0.19 10.30 14.40
C THR A 268 0.97 11.61 14.42
N TRP A 269 1.97 11.67 15.29
CA TRP A 269 2.89 12.81 15.35
C TRP A 269 4.18 12.43 14.65
N LEU A 270 4.66 13.34 13.80
CA LEU A 270 5.89 13.12 13.05
C LEU A 270 6.88 14.18 13.50
N THR A 271 8.01 13.72 14.04
CA THR A 271 9.05 14.64 14.52
C THR A 271 10.40 14.23 14.00
N GLY A 272 11.35 15.16 14.03
CA GLY A 272 12.68 14.83 13.56
C GLY A 272 13.25 15.98 12.78
N ASP A 273 14.14 15.70 11.84
CA ASP A 273 14.76 16.77 11.08
C ASP A 273 15.05 16.28 9.68
N ARG A 274 15.10 17.23 8.74
CA ARG A 274 15.41 16.95 7.34
C ARG A 274 16.47 17.94 6.91
N ASP A 275 17.41 17.48 6.07
CA ASP A 275 18.35 18.33 5.34
C ASP A 275 17.89 18.34 3.90
N ASN A 276 17.39 19.48 3.42
CA ASN A 276 16.77 19.53 2.10
C ASN A 276 17.75 20.06 1.08
N LEU A 277 17.95 19.32 -0.01
CA LEU A 277 18.85 19.81 -1.06
C LEU A 277 18.21 20.98 -1.80
N THR A 278 19.00 22.01 -2.08
CA THR A 278 18.54 23.09 -2.93
C THR A 278 19.27 23.00 -4.26
N THR A 279 18.58 23.38 -5.34
CA THR A 279 19.11 23.29 -6.69
C THR A 279 18.72 24.52 -7.48
N THR A 280 19.39 24.71 -8.61
CA THR A 280 19.02 25.71 -9.59
C THR A 280 19.21 25.10 -10.96
N THR A 281 18.50 25.64 -11.95
CA THR A 281 18.59 25.15 -13.31
C THR A 281 19.55 26.05 -14.09
N VAL A 282 20.57 25.45 -14.68
CA VAL A 282 21.61 26.15 -15.42
C VAL A 282 21.88 25.42 -16.72
N ASP A 283 21.36 25.96 -17.83
CA ASP A 283 21.63 25.44 -19.17
C ASP A 283 21.15 23.98 -19.30
N ASP A 284 19.83 23.82 -19.20
CA ASP A 284 19.15 22.52 -19.29
C ASP A 284 19.54 21.57 -18.16
N ARG A 285 20.47 21.97 -17.30
CA ARG A 285 20.93 21.13 -16.21
C ARG A 285 20.28 21.58 -14.90
N ARG A 286 20.28 20.68 -13.93
CA ARG A 286 19.86 21.00 -12.58
C ARG A 286 21.11 20.87 -11.71
N ILE A 287 21.49 21.96 -11.04
CA ILE A 287 22.77 22.05 -10.33
C ILE A 287 22.49 22.25 -8.85
N ALA A 288 23.25 21.57 -8.00
CA ALA A 288 23.07 21.71 -6.55
C ALA A 288 23.64 23.03 -6.07
N THR A 289 22.92 23.70 -5.17
CA THR A 289 23.37 24.97 -4.64
C THR A 289 23.60 24.95 -3.13
N GLY A 290 23.33 23.85 -2.47
CA GLY A 290 23.55 23.81 -1.04
C GLY A 290 22.51 22.91 -0.40
N LYS A 291 22.18 23.21 0.85
CA LYS A 291 21.15 22.49 1.58
C LYS A 291 20.71 23.32 2.77
N GLN A 292 19.51 23.01 3.24
CA GLN A 292 18.87 23.72 4.35
C GLN A 292 18.29 22.66 5.27
N SER A 293 18.63 22.72 6.54
CA SER A 293 18.08 21.81 7.53
C SER A 293 16.98 22.47 8.35
N GLY A 294 16.12 21.65 8.91
CA GLY A 294 15.03 22.20 9.68
C GLY A 294 14.33 21.08 10.40
N ASP A 295 13.71 21.39 11.52
CA ASP A 295 12.97 20.40 12.29
C ASP A 295 11.64 20.09 11.58
N VAL A 296 11.12 18.90 11.84
CA VAL A 296 9.79 18.53 11.41
C VAL A 296 8.95 18.34 12.66
N ASN A 297 7.74 18.91 12.65
CA ASN A 297 6.77 18.84 13.75
C ASN A 297 5.39 18.87 13.07
N ALA A 298 4.91 17.68 12.70
CA ALA A 298 3.78 17.51 11.80
C ALA A 298 2.80 16.51 12.40
N PHE A 299 1.60 16.46 11.84
CA PHE A 299 0.55 15.66 12.47
C PHE A 299 -0.37 15.09 11.40
N GLY A 300 -0.78 13.83 11.58
CA GLY A 300 -1.75 13.21 10.70
C GLY A 300 -2.84 12.53 11.48
N VAL A 301 -4.06 12.57 10.93
CA VAL A 301 -5.20 11.88 11.53
C VAL A 301 -5.97 11.15 10.45
N ASP A 302 -6.60 10.02 10.83
CA ASP A 302 -7.49 9.30 9.91
C ASP A 302 -8.61 8.70 10.74
N LEU A 303 -9.84 8.97 10.33
CA LEU A 303 -11.03 8.56 11.06
C LEU A 303 -12.03 7.94 10.09
N GLY A 304 -12.76 6.94 10.55
CA GLY A 304 -13.76 6.35 9.68
C GLY A 304 -14.83 5.64 10.48
N LEU A 305 -16.02 5.59 9.91
CA LEU A 305 -17.16 4.95 10.55
C LEU A 305 -17.89 4.18 9.49
N ARG A 306 -18.17 2.89 9.73
CA ARG A 306 -18.84 2.06 8.76
C ARG A 306 -20.09 1.46 9.39
N TRP A 307 -21.21 1.61 8.68
CA TRP A 307 -22.50 1.04 9.06
C TRP A 307 -22.65 -0.32 8.41
N ASN A 308 -22.86 -1.37 9.24
CA ASN A 308 -23.16 -2.69 8.70
C ASN A 308 -24.68 -2.80 8.67
N ILE A 309 -25.26 -2.40 7.53
CA ILE A 309 -26.70 -2.20 7.44
C ILE A 309 -27.43 -3.53 7.53
N ASP A 310 -26.97 -4.53 6.76
CA ASP A 310 -27.49 -5.88 6.95
C ASP A 310 -26.38 -6.86 6.61
N GLU A 311 -26.74 -8.09 6.26
CA GLU A 311 -25.73 -9.09 5.97
C GLU A 311 -24.92 -8.71 4.74
N GLN A 312 -25.52 -8.00 3.81
CA GLN A 312 -24.89 -7.75 2.52
C GLN A 312 -24.45 -6.31 2.32
N TRP A 313 -25.13 -5.33 2.91
CA TRP A 313 -24.90 -3.92 2.59
C TRP A 313 -24.14 -3.21 3.70
N LYS A 314 -23.20 -2.34 3.31
CA LYS A 314 -22.46 -1.52 4.25
C LYS A 314 -22.27 -0.15 3.63
N ALA A 315 -22.10 0.85 4.49
CA ALA A 315 -21.81 2.20 3.98
C ALA A 315 -21.02 2.93 5.04
N GLY A 316 -20.36 4.02 4.65
CA GLY A 316 -19.57 4.66 5.69
C GLY A 316 -18.97 5.95 5.19
N VAL A 317 -18.24 6.59 6.11
CA VAL A 317 -17.65 7.90 5.87
C VAL A 317 -16.26 7.92 6.47
N GLY A 318 -15.42 8.80 5.93
CA GLY A 318 -14.04 8.84 6.36
C GLY A 318 -13.52 10.26 6.25
N TYR A 319 -12.55 10.57 7.10
CA TYR A 319 -11.88 11.86 7.04
C TYR A 319 -10.42 11.65 7.38
N ALA A 320 -9.53 12.26 6.61
CA ALA A 320 -8.12 12.17 6.91
C ALA A 320 -7.47 13.50 6.60
N ARG A 321 -6.40 13.78 7.33
CA ARG A 321 -5.67 15.02 7.14
C ARG A 321 -4.22 14.79 7.51
N GLY A 322 -3.32 15.11 6.60
CA GLY A 322 -1.90 15.20 6.90
C GLY A 322 -1.49 16.66 6.80
N SER A 323 -0.90 17.18 7.87
CA SER A 323 -0.59 18.59 7.93
C SER A 323 0.34 18.98 6.79
N GLY A 324 0.39 20.28 6.51
CA GLY A 324 1.25 20.78 5.46
C GLY A 324 1.77 22.16 5.80
N GLY A 325 2.88 22.51 5.15
CA GLY A 325 3.39 23.88 5.28
C GLY A 325 4.01 24.13 6.65
N GLY A 326 3.63 25.25 7.27
CA GLY A 326 4.20 25.64 8.54
C GLY A 326 5.50 26.42 8.37
N LYS A 327 6.03 26.88 9.51
CA LYS A 327 7.28 27.63 9.50
C LYS A 327 8.40 26.78 8.93
N ASP A 328 9.03 27.28 7.85
CA ASP A 328 10.04 26.53 7.09
C ASP A 328 9.66 25.07 6.89
N GLY A 329 8.41 24.81 6.52
CA GLY A 329 7.97 23.48 6.15
C GLY A 329 7.95 22.47 7.28
N GLU A 330 8.03 22.93 8.54
CA GLU A 330 8.07 21.99 9.66
C GLU A 330 6.78 21.20 9.81
N GLU A 331 5.66 21.71 9.31
CA GLU A 331 4.39 21.01 9.48
C GLU A 331 4.02 20.13 8.30
N GLN A 332 4.96 19.83 7.42
CA GLN A 332 4.66 18.96 6.29
C GLN A 332 4.73 17.52 6.77
N PHE A 333 3.57 16.90 6.94
CA PHE A 333 3.51 15.49 7.23
C PHE A 333 3.93 14.70 6.00
N GLN A 334 4.41 13.48 6.24
CA GLN A 334 4.73 12.53 5.18
C GLN A 334 4.62 11.14 5.76
N GLN A 335 4.45 10.16 4.89
CA GLN A 335 4.32 8.79 5.38
C GLN A 335 5.68 8.10 5.34
N THR A 336 5.73 6.86 5.82
CA THR A 336 7.01 6.18 6.01
C THR A 336 7.73 5.89 4.70
N GLY A 337 7.00 5.79 3.59
CA GLY A 337 7.57 5.30 2.35
C GLY A 337 7.45 3.80 2.16
N LEU A 338 6.99 3.08 3.18
CA LEU A 338 6.73 1.65 3.11
C LEU A 338 5.26 1.35 2.94
N GLU A 339 4.41 2.38 2.90
CA GLU A 339 2.98 2.20 2.97
C GLU A 339 2.42 1.88 1.59
N SER A 340 1.26 1.22 1.57
CA SER A 340 0.46 1.11 0.35
C SER A 340 -0.79 1.98 0.38
N ASN A 341 -1.27 2.34 1.57
CA ASN A 341 -2.57 2.99 1.74
C ASN A 341 -3.71 2.17 1.15
N ARG A 342 -3.56 0.85 1.08
CA ARG A 342 -4.62 -0.04 0.64
C ARG A 342 -5.13 -0.84 1.83
N SER A 343 -6.45 -0.86 2.03
CA SER A 343 -7.01 -1.52 3.19
C SER A 343 -8.43 -1.99 2.86
N ASN A 344 -8.96 -2.82 3.74
CA ASN A 344 -10.34 -3.30 3.62
C ASN A 344 -11.32 -2.32 4.26
N PHE A 345 -11.15 -1.02 4.07
CA PHE A 345 -11.95 -0.05 4.81
C PHE A 345 -13.40 0.01 4.36
N THR A 346 -13.75 -0.51 3.18
CA THR A 346 -15.16 -0.56 2.81
C THR A 346 -15.88 -1.78 3.36
N GLY A 347 -15.20 -2.62 4.14
CA GLY A 347 -15.85 -3.75 4.76
C GLY A 347 -16.00 -4.98 3.89
N THR A 348 -15.21 -5.13 2.84
CA THR A 348 -15.28 -6.30 1.96
C THR A 348 -13.94 -7.04 1.93
N ARG A 349 -13.97 -8.25 1.36
CA ARG A 349 -12.75 -9.02 1.12
C ARG A 349 -11.74 -8.29 0.23
N SER A 350 -12.19 -7.35 -0.61
CA SER A 350 -11.30 -6.61 -1.49
C SER A 350 -10.68 -5.41 -0.78
N ARG A 351 -9.37 -5.26 -0.94
CA ARG A 351 -8.69 -4.04 -0.48
C ARG A 351 -8.85 -2.93 -1.52
N VAL A 352 -8.98 -1.71 -1.01
CA VAL A 352 -9.25 -0.53 -1.84
C VAL A 352 -8.23 0.53 -1.45
N HIS A 353 -7.77 1.32 -2.42
CA HIS A 353 -6.85 2.41 -2.06
C HIS A 353 -7.60 3.46 -1.24
N ARG A 354 -7.09 3.72 -0.04
CA ARG A 354 -7.76 4.64 0.87
C ARG A 354 -7.93 6.04 0.28
N PHE A 355 -7.01 6.46 -0.60
CA PHE A 355 -7.11 7.79 -1.19
C PHE A 355 -7.18 7.74 -2.71
N GLY A 356 -7.94 6.77 -3.23
CA GLY A 356 -8.31 6.71 -4.62
C GLY A 356 -7.45 5.81 -5.48
N GLU A 357 -8.07 4.92 -6.26
CA GLU A 357 -7.32 4.16 -7.25
C GLU A 357 -6.67 5.07 -8.31
N ALA A 358 -7.30 6.20 -8.63
CA ALA A 358 -6.72 7.12 -9.60
C ALA A 358 -5.75 8.10 -8.93
N PHE A 359 -6.23 8.82 -7.90
CA PHE A 359 -5.39 9.84 -7.28
C PHE A 359 -4.23 9.23 -6.50
N ARG A 360 -4.48 8.10 -5.82
CA ARG A 360 -3.46 7.40 -5.04
C ARG A 360 -2.72 8.34 -4.10
N GLY A 361 -3.49 9.11 -3.33
CA GLY A 361 -2.88 10.12 -2.50
C GLY A 361 -2.05 9.53 -1.37
N GLU A 362 -0.97 10.24 -1.05
CA GLU A 362 -0.21 10.09 0.19
C GLU A 362 -0.72 11.15 1.16
N LEU A 363 -0.77 10.81 2.44
CA LEU A 363 -1.24 11.76 3.45
C LEU A 363 -0.13 12.77 3.72
N SER A 364 -0.12 13.83 2.92
CA SER A 364 0.95 14.81 3.02
C SER A 364 0.40 16.13 2.47
N ASN A 365 0.22 17.12 3.35
CA ASN A 365 -0.41 18.39 3.00
C ASN A 365 -1.74 18.16 2.29
N LEU A 366 -2.50 17.18 2.80
CA LEU A 366 -3.68 16.69 2.13
C LEU A 366 -4.80 16.51 3.14
N GLN A 367 -5.99 16.98 2.79
CA GLN A 367 -7.23 16.74 3.51
C GLN A 367 -8.16 15.94 2.61
N ALA A 368 -8.81 14.91 3.15
CA ALA A 368 -9.67 14.10 2.29
C ALA A 368 -10.95 13.73 3.03
N ALA A 369 -12.09 13.90 2.35
CA ALA A 369 -13.38 13.41 2.84
C ALA A 369 -13.83 12.30 1.91
N THR A 370 -14.35 11.20 2.50
CA THR A 370 -14.69 10.04 1.68
C THR A 370 -16.03 9.47 2.11
N LEU A 371 -16.79 9.00 1.13
CA LEU A 371 -18.05 8.27 1.34
C LEU A 371 -17.97 6.96 0.59
N PHE A 372 -18.50 5.88 1.16
CA PHE A 372 -18.49 4.65 0.41
C PHE A 372 -19.76 3.86 0.70
N GLY A 373 -20.13 3.05 -0.27
CA GLY A 373 -21.08 1.97 -0.05
C GLY A 373 -20.49 0.68 -0.56
N SER A 374 -20.93 -0.42 0.03
CA SER A 374 -20.38 -1.71 -0.38
C SER A 374 -21.47 -2.76 -0.28
N TRP A 375 -21.26 -3.84 -1.02
CA TRP A 375 -22.17 -4.96 -1.05
C TRP A 375 -21.36 -6.24 -1.15
N GLN A 376 -21.80 -7.27 -0.46
CA GLN A 376 -21.11 -8.54 -0.60
C GLN A 376 -22.12 -9.65 -0.41
N LEU A 377 -21.76 -10.82 -0.91
CA LEU A 377 -22.61 -11.99 -0.81
C LEU A 377 -21.69 -13.15 -0.47
N ARG A 378 -21.73 -13.57 0.80
CA ARG A 378 -20.97 -14.70 1.33
C ARG A 378 -19.51 -14.52 0.92
N GLU A 379 -18.85 -15.54 0.38
CA GLU A 379 -17.50 -15.41 -0.15
C GLU A 379 -17.47 -15.37 -1.68
N ASP A 380 -18.59 -15.04 -2.31
CA ASP A 380 -18.74 -15.17 -3.75
C ASP A 380 -18.60 -13.86 -4.50
N TYR A 381 -19.07 -12.75 -3.94
CA TYR A 381 -19.04 -11.46 -4.62
C TYR A 381 -18.78 -10.36 -3.63
N ASP A 382 -18.13 -9.30 -4.12
CA ASP A 382 -18.15 -8.04 -3.39
C ASP A 382 -18.07 -6.87 -4.37
N ALA A 383 -18.51 -5.72 -3.90
CA ALA A 383 -18.52 -4.53 -4.72
C ALA A 383 -18.44 -3.31 -3.81
N SER A 384 -17.66 -2.30 -4.21
CA SER A 384 -17.58 -1.08 -3.43
C SER A 384 -17.62 0.10 -4.37
N LEU A 385 -18.28 1.18 -3.92
CA LEU A 385 -18.31 2.45 -4.63
C LEU A 385 -17.82 3.50 -3.64
N VAL A 386 -16.81 4.26 -4.02
CA VAL A 386 -16.15 5.18 -3.10
C VAL A 386 -16.07 6.54 -3.76
N TYR A 387 -16.44 7.57 -3.02
CA TYR A 387 -16.29 8.95 -3.45
C TYR A 387 -15.28 9.64 -2.53
N HIS A 388 -14.38 10.43 -3.11
CA HIS A 388 -13.40 11.22 -2.37
C HIS A 388 -13.44 12.67 -2.83
N LYS A 389 -13.27 13.61 -1.89
CA LYS A 389 -12.91 14.98 -2.23
C LYS A 389 -11.59 15.33 -1.54
N PHE A 390 -10.68 15.98 -2.28
CA PHE A 390 -9.34 16.23 -1.79
C PHE A 390 -9.06 17.73 -1.77
N TRP A 391 -8.42 18.19 -0.69
CA TRP A 391 -7.94 19.58 -0.60
C TRP A 391 -6.50 19.59 -0.12
N ARG A 392 -5.76 20.61 -0.55
CA ARG A 392 -4.48 20.91 0.07
C ARG A 392 -4.70 21.58 1.41
N VAL A 393 -3.80 21.33 2.35
CA VAL A 393 -3.88 22.03 3.63
C VAL A 393 -3.24 23.41 3.52
N ASP A 394 -2.04 23.47 2.95
CA ASP A 394 -1.33 24.71 2.70
C ASP A 394 -1.19 24.88 1.20
N ASP A 395 -1.79 25.95 0.66
CA ASP A 395 -1.92 26.09 -0.78
C ASP A 395 -0.66 26.60 -1.47
N ASP A 396 0.43 26.80 -0.74
CA ASP A 396 1.71 27.13 -1.35
C ASP A 396 2.66 25.94 -1.31
N SER A 397 2.38 24.93 -0.50
CA SER A 397 3.22 23.74 -0.45
C SER A 397 2.69 22.67 -1.39
N ASP A 398 3.60 21.85 -1.88
CA ASP A 398 3.16 20.74 -2.69
C ASP A 398 2.54 19.66 -1.83
N ILE A 399 2.04 18.64 -2.49
CA ILE A 399 1.54 17.47 -1.77
C ILE A 399 2.63 16.43 -1.86
N GLY A 400 2.36 15.23 -1.40
CA GLY A 400 3.32 14.14 -1.46
C GLY A 400 3.20 13.39 -2.76
N THR A 401 3.48 12.09 -2.73
CA THR A 401 3.29 11.31 -3.94
C THR A 401 1.81 11.28 -4.31
N SER A 402 1.55 11.05 -5.59
CA SER A 402 0.19 10.70 -6.02
C SER A 402 0.29 10.15 -7.43
N GLY A 403 -0.81 9.50 -7.85
CA GLY A 403 -0.94 8.95 -9.17
C GLY A 403 -1.19 9.96 -10.26
N ILE A 404 -1.12 11.26 -9.94
CA ILE A 404 -1.29 12.33 -10.92
C ILE A 404 0.04 13.06 -11.04
N ASN A 405 0.51 13.24 -12.26
CA ASN A 405 1.81 13.86 -12.53
C ASN A 405 1.60 15.20 -13.24
N ALA A 406 1.13 16.19 -12.48
CA ALA A 406 0.91 17.51 -13.03
C ALA A 406 1.14 18.54 -11.94
N ALA A 407 1.61 19.72 -12.35
CA ALA A 407 1.96 20.74 -11.37
C ALA A 407 0.72 21.34 -10.73
N LEU A 408 0.84 21.65 -9.44
CA LEU A 408 -0.19 22.34 -8.69
C LEU A 408 0.00 23.85 -8.81
N GLN A 409 -1.11 24.59 -8.95
CA GLN A 409 -1.00 26.04 -9.09
C GLN A 409 -0.96 26.70 -7.72
N PRO A 410 -0.06 27.68 -7.50
CA PRO A 410 0.06 28.30 -6.18
C PRO A 410 -1.24 28.96 -5.75
N GLY A 411 -1.57 28.81 -4.47
CA GLY A 411 -2.71 29.51 -3.92
C GLY A 411 -4.06 28.84 -4.09
N GLU A 412 -4.11 27.62 -4.63
CA GLU A 412 -5.37 26.91 -4.85
C GLU A 412 -5.43 25.64 -4.01
N LYS A 413 -6.48 25.53 -3.18
CA LYS A 413 -6.66 24.39 -2.29
C LYS A 413 -7.35 23.19 -2.96
N ASP A 414 -8.10 23.41 -4.05
CA ASP A 414 -9.05 22.41 -4.57
C ASP A 414 -8.29 21.40 -5.44
N ILE A 415 -7.97 20.24 -4.87
CA ILE A 415 -7.22 19.23 -5.62
C ILE A 415 -8.12 18.51 -6.60
N GLY A 416 -9.28 18.05 -6.15
CA GLY A 416 -10.25 17.45 -7.06
C GLY A 416 -11.14 16.46 -6.32
N GLN A 417 -11.83 15.66 -7.12
CA GLN A 417 -12.77 14.66 -6.63
C GLN A 417 -12.54 13.36 -7.36
N GLU A 418 -13.00 12.24 -6.78
CA GLU A 418 -12.74 10.98 -7.43
C GLU A 418 -13.90 10.03 -7.10
N LEU A 419 -14.27 9.21 -8.08
CA LEU A 419 -15.22 8.11 -7.87
C LEU A 419 -14.53 6.81 -8.27
N ASP A 420 -14.56 5.82 -7.37
CA ASP A 420 -13.93 4.51 -7.55
C ASP A 420 -14.97 3.42 -7.49
N LEU A 421 -14.78 2.39 -8.31
CA LEU A 421 -15.64 1.21 -8.31
C LEU A 421 -14.73 -0.03 -8.29
N VAL A 422 -15.01 -0.95 -7.38
CA VAL A 422 -14.30 -2.22 -7.31
C VAL A 422 -15.37 -3.30 -7.27
N VAL A 423 -15.32 -4.26 -8.20
CA VAL A 423 -16.29 -5.37 -8.21
C VAL A 423 -15.51 -6.66 -8.36
N THR A 424 -15.85 -7.68 -7.57
CA THR A 424 -15.06 -8.89 -7.52
C THR A 424 -15.96 -10.10 -7.51
N LYS A 425 -15.63 -11.09 -8.34
CA LYS A 425 -16.23 -12.42 -8.26
C LYS A 425 -15.15 -13.39 -7.81
N TYR A 426 -15.46 -14.20 -6.80
CA TYR A 426 -14.57 -15.24 -6.29
C TYR A 426 -15.08 -16.60 -6.71
N PHE A 427 -14.18 -17.54 -7.01
CA PHE A 427 -14.64 -18.87 -7.39
C PHE A 427 -13.56 -19.91 -7.09
N LYS A 428 -13.86 -21.17 -7.40
CA LYS A 428 -12.94 -22.26 -7.07
C LYS A 428 -12.63 -23.14 -8.26
N GLN A 429 -13.55 -24.06 -8.60
CA GLN A 429 -13.26 -25.07 -9.59
C GLN A 429 -13.09 -24.47 -10.98
N GLY A 430 -12.06 -24.92 -11.68
CA GLY A 430 -11.90 -24.58 -13.08
C GLY A 430 -11.30 -23.21 -13.30
N LEU A 431 -11.07 -22.92 -14.59
CA LEU A 431 -10.39 -21.68 -14.97
C LEU A 431 -11.28 -20.47 -14.73
N LEU A 432 -12.57 -20.57 -15.09
CA LEU A 432 -13.54 -19.52 -14.90
C LEU A 432 -14.78 -20.10 -14.22
N PRO A 433 -15.55 -19.27 -13.51
CA PRO A 433 -16.70 -19.81 -12.74
C PRO A 433 -17.74 -20.44 -13.65
N ALA A 434 -18.44 -21.44 -13.11
CA ALA A 434 -19.60 -22.00 -13.77
C ALA A 434 -20.86 -21.39 -13.18
N SER A 435 -21.87 -21.16 -14.02
CA SER A 435 -23.11 -20.60 -13.51
C SER A 435 -23.91 -21.63 -12.72
N MET A 436 -23.65 -22.92 -12.93
CA MET A 436 -24.25 -23.97 -12.13
C MET A 436 -23.48 -24.24 -10.84
N SER A 437 -22.37 -23.56 -10.61
CA SER A 437 -21.58 -23.83 -9.43
C SER A 437 -22.29 -23.34 -8.17
N GLN A 438 -22.14 -24.09 -7.08
CA GLN A 438 -22.68 -23.67 -5.80
C GLN A 438 -21.78 -22.60 -5.17
N TYR A 439 -22.33 -21.91 -4.17
CA TYR A 439 -21.58 -20.86 -3.50
C TYR A 439 -20.28 -21.44 -2.94
N VAL A 440 -19.18 -20.74 -3.18
CA VAL A 440 -17.85 -21.28 -2.87
C VAL A 440 -17.59 -21.14 -1.37
N ASP A 441 -17.10 -22.23 -0.77
CA ASP A 441 -16.64 -22.23 0.61
C ASP A 441 -15.41 -21.35 0.77
N GLU A 442 -14.30 -21.74 0.15
CA GLU A 442 -13.11 -20.90 0.08
C GLU A 442 -12.62 -20.82 -1.36
N PRO A 443 -12.70 -19.65 -1.98
CA PRO A 443 -12.33 -19.55 -3.39
C PRO A 443 -10.83 -19.68 -3.59
N SER A 444 -10.46 -20.15 -4.78
CA SER A 444 -9.07 -20.24 -5.21
C SER A 444 -8.75 -19.29 -6.36
N ALA A 445 -9.71 -18.53 -6.83
CA ALA A 445 -9.50 -17.67 -7.99
C ALA A 445 -10.45 -16.50 -7.88
N LEU A 446 -10.12 -15.40 -8.55
CA LEU A 446 -11.03 -14.28 -8.58
C LEU A 446 -10.89 -13.54 -9.90
N ILE A 447 -11.93 -12.80 -10.24
N ILE A 447 -11.95 -12.82 -10.26
CA ILE A 447 -11.90 -11.85 -11.35
CA ILE A 447 -11.92 -11.84 -11.33
C ILE A 447 -12.41 -10.52 -10.81
C ILE A 447 -12.37 -10.52 -10.76
N ARG A 448 -11.67 -9.44 -11.09
CA ARG A 448 -11.97 -8.17 -10.46
C ARG A 448 -11.88 -7.04 -11.47
N PHE A 449 -12.80 -6.09 -11.35
CA PHE A 449 -12.66 -4.78 -11.97
C PHE A 449 -12.34 -3.78 -10.87
N ARG A 450 -11.36 -2.92 -11.12
CA ARG A 450 -10.91 -1.97 -10.11
C ARG A 450 -10.63 -0.68 -10.87
N GLY A 451 -11.42 0.37 -10.63
CA GLY A 451 -11.31 1.56 -11.45
C GLY A 451 -11.56 2.85 -10.68
N GLY A 452 -10.88 3.91 -11.12
CA GLY A 452 -11.10 5.20 -10.52
C GLY A 452 -11.19 6.29 -11.56
N LEU A 453 -12.10 7.22 -11.34
CA LEU A 453 -12.30 8.40 -12.17
C LEU A 453 -11.95 9.64 -11.34
N PHE A 454 -10.97 10.42 -11.79
CA PHE A 454 -10.49 11.58 -11.05
C PHE A 454 -10.86 12.85 -11.82
N LYS A 455 -11.51 13.79 -11.13
CA LYS A 455 -11.84 15.07 -11.73
C LYS A 455 -10.95 16.14 -11.11
N PRO A 456 -9.94 16.65 -11.81
CA PRO A 456 -9.06 17.66 -11.22
C PRO A 456 -9.81 18.93 -10.86
N GLY A 457 -9.43 19.49 -9.72
CA GLY A 457 -9.97 20.76 -9.27
C GLY A 457 -9.09 21.92 -9.67
N ASP A 458 -9.37 23.07 -9.07
CA ASP A 458 -8.77 24.31 -9.52
C ASP A 458 -7.26 24.35 -9.31
N ALA A 459 -6.73 23.49 -8.44
CA ALA A 459 -5.30 23.48 -8.18
C ALA A 459 -4.50 23.02 -9.39
N TYR A 460 -5.13 22.40 -10.39
CA TYR A 460 -4.40 21.95 -11.56
C TYR A 460 -4.43 22.94 -12.71
N GLY A 461 -5.28 23.96 -12.64
CA GLY A 461 -5.17 25.10 -13.52
C GLY A 461 -5.65 24.83 -14.93
N PRO A 462 -5.44 25.80 -15.82
CA PRO A 462 -5.95 25.67 -17.19
C PRO A 462 -5.02 24.82 -18.06
N GLY A 463 -5.62 24.25 -19.10
CA GLY A 463 -4.88 23.41 -20.03
C GLY A 463 -4.82 21.94 -19.64
N THR A 464 -5.43 21.54 -18.54
CA THR A 464 -5.44 20.14 -18.14
C THR A 464 -6.74 19.47 -18.57
N ASP A 465 -6.68 18.13 -18.66
CA ASP A 465 -7.89 17.36 -18.94
C ASP A 465 -8.92 17.59 -17.85
N SER A 466 -10.20 17.48 -18.22
CA SER A 466 -11.25 17.62 -17.23
C SER A 466 -11.45 16.36 -16.40
N THR A 467 -11.08 15.20 -16.93
CA THR A 467 -11.09 13.97 -16.15
C THR A 467 -9.91 13.09 -16.55
N MET A 468 -9.59 12.20 -15.63
CA MET A 468 -8.54 11.20 -15.74
C MET A 468 -9.12 9.89 -15.23
N HIS A 469 -8.65 8.77 -15.75
CA HIS A 469 -9.05 7.49 -15.18
C HIS A 469 -7.87 6.52 -15.15
N ARG A 470 -7.99 5.54 -14.28
CA ARG A 470 -7.07 4.41 -14.21
C ARG A 470 -7.96 3.23 -13.85
N ALA A 471 -7.98 2.20 -14.69
CA ALA A 471 -8.83 1.05 -14.44
C ALA A 471 -8.07 -0.23 -14.77
N PHE A 472 -8.41 -1.30 -14.05
CA PHE A 472 -7.74 -2.58 -14.12
C PHE A 472 -8.79 -3.66 -14.21
N VAL A 473 -8.52 -4.69 -15.01
CA VAL A 473 -9.17 -5.98 -14.81
C VAL A 473 -8.09 -6.96 -14.42
N ASP A 474 -8.32 -7.70 -13.34
CA ASP A 474 -7.36 -8.68 -12.82
C ASP A 474 -8.05 -10.03 -12.80
N PHE A 475 -7.40 -11.05 -13.36
CA PHE A 475 -7.74 -12.46 -13.14
C PHE A 475 -6.62 -13.06 -12.29
N ILE A 476 -6.96 -13.67 -11.16
CA ILE A 476 -5.95 -14.22 -10.26
C ILE A 476 -6.33 -15.66 -9.93
N TRP A 477 -5.38 -16.57 -10.07
CA TRP A 477 -5.58 -17.98 -9.73
C TRP A 477 -4.48 -18.41 -8.78
N ARG A 478 -4.84 -19.19 -7.77
CA ARG A 478 -3.85 -19.79 -6.88
C ARG A 478 -3.92 -21.30 -7.01
N PHE A 479 -2.78 -21.93 -7.31
CA PHE A 479 -2.64 -23.37 -7.43
C PHE A 479 -1.71 -23.93 -6.34
#